data_4BAU
#
_entry.id   4BAU
#
_cell.length_a   83.860
_cell.length_b   83.860
_cell.length_c   140.570
_cell.angle_alpha   90.00
_cell.angle_beta   90.00
_cell.angle_gamma   90.00
#
_symmetry.space_group_name_H-M   'P 41 21 2'
#
loop_
_entity.id
_entity.type
_entity.pdbx_description
1 polymer 'PROBABLE EPOXIDE HYDROLASE'
2 non-polymer 'SULFATE ION'
3 non-polymer 'fluoroacetic acid'
4 non-polymer 'CHLORIDE ION'
5 water water
#
_entity_poly.entity_id   1
_entity_poly.type   'polypeptide(L)'
_entity_poly.pdbx_seq_one_letter_code
;SMNTDPLLPGFDYLTLHTSAARLRVAVKGSGPPLLLLHGYPQTHLAWHRIAPRLAEDYSVVLADLRGYGESRALDEEGAD
YSKAALARDQLETMGQLGFERFAVIGHDRGARVGYRLALDHPQAVAAFVSLDVVPILDNWAAVNKVFALNAYHWFLLAQP
YDLPERLIGADPEHFLDYTLRRMAQGRDIYHPQALESYRRAFRDPAVRHAMCEDYRAAVGVDADADQADRDAGRRLQCPV
QVLWQERPYAAGQHPLEIWKTWAGQVEGAAIGASHMLPEDAPDAVLEHLLGFLASHREALR
;
_entity_poly.pdbx_strand_id   A
#
loop_
_chem_comp.id
_chem_comp.type
_chem_comp.name
_chem_comp.formula
CL non-polymer 'CHLORIDE ION' 'Cl -1'
FAH non-polymer 'fluoroacetic acid' 'C2 H3 F O2'
SO4 non-polymer 'SULFATE ION' 'O4 S -2'
#
# COMPACT_ATOMS: atom_id res chain seq x y z
N ASP A 5 13.10 12.08 -19.02
CA ASP A 5 13.58 11.55 -17.67
C ASP A 5 13.26 10.09 -17.34
N PRO A 6 14.28 9.30 -17.00
CA PRO A 6 13.99 7.84 -16.91
C PRO A 6 13.18 7.44 -15.67
N LEU A 7 12.55 6.29 -15.72
CA LEU A 7 11.82 5.74 -14.61
C LEU A 7 12.86 4.88 -13.80
N LEU A 8 12.89 5.21 -12.59
CA LEU A 8 13.67 4.59 -11.57
C LEU A 8 15.11 4.44 -11.92
N PRO A 9 15.78 5.58 -12.16
CA PRO A 9 17.16 5.48 -12.53
C PRO A 9 18.00 4.89 -11.43
N GLY A 10 18.81 3.89 -11.79
CA GLY A 10 19.71 3.31 -10.82
C GLY A 10 19.15 2.27 -9.90
N PHE A 11 17.88 1.94 -10.06
CA PHE A 11 17.30 0.87 -9.23
C PHE A 11 17.67 -0.47 -9.81
N ASP A 12 18.00 -1.37 -8.90
CA ASP A 12 18.38 -2.74 -9.24
C ASP A 12 17.17 -3.66 -9.00
N TYR A 13 16.79 -4.42 -10.02
CA TYR A 13 15.62 -5.27 -10.01
C TYR A 13 16.01 -6.68 -9.57
N LEU A 14 15.37 -7.13 -8.51
CA LEU A 14 15.61 -8.44 -7.90
C LEU A 14 14.37 -9.31 -7.90
N THR A 15 14.58 -10.62 -7.78
CA THR A 15 13.49 -11.58 -7.56
C THR A 15 13.85 -12.37 -6.36
N LEU A 16 13.14 -12.18 -5.24
CA LEU A 16 13.39 -12.87 -3.99
C LEU A 16 12.48 -14.10 -3.87
N HIS A 17 13.06 -15.17 -3.32
CA HIS A 17 12.44 -16.48 -3.17
C HIS A 17 12.23 -16.63 -1.70
N THR A 18 10.99 -16.54 -1.28
CA THR A 18 10.61 -16.61 0.12
C THR A 18 9.89 -17.93 0.28
N SER A 19 9.47 -18.17 1.51
CA SER A 19 8.79 -19.41 1.85
C SER A 19 7.54 -19.70 0.96
N ALA A 20 6.75 -18.69 0.68
CA ALA A 20 5.47 -18.85 0.04
C ALA A 20 5.30 -18.05 -1.25
N ALA A 21 6.34 -17.38 -1.71
CA ALA A 21 6.24 -16.43 -2.80
C ALA A 21 7.52 -16.23 -3.55
N ARG A 22 7.38 -15.74 -4.78
CA ARG A 22 8.48 -15.23 -5.64
C ARG A 22 8.14 -13.74 -5.79
N LEU A 23 8.95 -12.89 -5.20
CA LEU A 23 8.65 -11.47 -5.08
C LEU A 23 9.58 -10.58 -5.89
N ARG A 24 8.97 -9.69 -6.66
CA ARG A 24 9.70 -8.64 -7.39
C ARG A 24 9.98 -7.46 -6.45
N VAL A 25 11.25 -7.10 -6.35
CA VAL A 25 11.75 -6.02 -5.54
CA VAL A 25 11.62 -5.87 -5.65
C VAL A 25 12.63 -5.12 -6.45
N ALA A 26 12.66 -3.83 -6.21
CA ALA A 26 13.63 -2.92 -6.88
C ALA A 26 14.26 -2.09 -5.75
N VAL A 27 15.60 -1.99 -5.76
CA VAL A 27 16.34 -1.38 -4.66
C VAL A 27 17.31 -0.30 -5.13
N LYS A 28 17.49 0.71 -4.29
CA LYS A 28 18.51 1.74 -4.50
CA LYS A 28 18.51 1.74 -4.50
C LYS A 28 18.79 2.47 -3.20
N GLY A 29 20.03 2.91 -3.07
CA GLY A 29 20.45 3.79 -1.99
C GLY A 29 21.08 3.08 -0.79
N SER A 30 21.53 3.92 0.12
CA SER A 30 22.13 3.49 1.37
CA SER A 30 22.20 3.56 1.37
C SER A 30 21.62 4.37 2.50
N GLY A 31 21.78 3.88 3.72
CA GLY A 31 21.25 4.56 4.89
C GLY A 31 20.05 3.82 5.45
N PRO A 32 19.25 4.49 6.31
CA PRO A 32 18.19 3.79 6.96
C PRO A 32 17.17 3.24 5.96
N PRO A 33 16.65 2.05 6.22
CA PRO A 33 15.76 1.40 5.23
C PRO A 33 14.31 1.89 5.26
N LEU A 34 13.77 2.08 4.04
CA LEU A 34 12.39 2.37 3.79
C LEU A 34 11.83 1.33 2.81
N LEU A 35 10.67 0.79 3.14
CA LEU A 35 9.96 -0.16 2.29
C LEU A 35 8.68 0.54 1.79
N LEU A 36 8.54 0.65 0.47
CA LEU A 36 7.44 1.37 -0.14
C LEU A 36 6.53 0.33 -0.81
N LEU A 37 5.23 0.38 -0.46
CA LEU A 37 4.25 -0.62 -0.88
C LEU A 37 3.07 0.07 -1.62
N HIS A 38 3.00 -0.22 -2.93
CA HIS A 38 1.97 0.28 -3.84
C HIS A 38 0.62 -0.32 -3.51
N GLY A 39 -0.38 0.12 -4.28
CA GLY A 39 -1.73 -0.40 -4.18
C GLY A 39 -2.36 -0.87 -5.48
N TYR A 40 -3.69 -0.89 -5.48
CA TYR A 40 -4.47 -1.43 -6.60
C TYR A 40 -4.84 -0.32 -7.57
N PRO A 41 -4.87 -0.60 -8.90
CA PRO A 41 -4.46 -1.82 -9.61
C PRO A 41 -3.06 -1.67 -10.20
N GLN A 42 -2.10 -1.42 -9.32
CA GLN A 42 -0.79 -0.95 -9.72
C GLN A 42 0.33 -1.90 -9.37
N THR A 43 1.57 -1.34 -9.49
CA THR A 43 2.78 -2.07 -9.18
C THR A 43 3.71 -1.13 -8.48
N HIS A 44 4.93 -1.58 -8.22
CA HIS A 44 5.96 -0.71 -7.60
C HIS A 44 6.32 0.54 -8.39
N LEU A 45 6.03 0.53 -9.68
CA LEU A 45 6.32 1.72 -10.52
C LEU A 45 5.50 2.93 -10.13
N ALA A 46 4.40 2.73 -9.38
CA ALA A 46 3.65 3.86 -8.88
C ALA A 46 4.49 4.86 -8.03
N TRP A 47 5.62 4.38 -7.53
CA TRP A 47 6.57 5.18 -6.74
C TRP A 47 7.61 5.90 -7.55
N HIS A 48 7.47 5.92 -8.85
CA HIS A 48 8.57 6.45 -9.66
C HIS A 48 8.88 7.97 -9.50
N ARG A 49 7.93 8.75 -9.01
CA ARG A 49 8.15 10.18 -8.77
C ARG A 49 8.64 10.50 -7.37
N ILE A 50 8.67 9.48 -6.52
CA ILE A 50 9.03 9.66 -5.10
C ILE A 50 10.32 8.89 -4.72
N ALA A 51 10.44 7.63 -5.17
CA ALA A 51 11.52 6.77 -4.78
C ALA A 51 12.92 7.31 -5.10
N PRO A 52 13.10 7.91 -6.28
CA PRO A 52 14.50 8.34 -6.56
C PRO A 52 14.98 9.41 -5.57
N ARG A 53 14.11 10.37 -5.20
CA ARG A 53 14.50 11.39 -4.22
C ARG A 53 14.83 10.74 -2.88
N LEU A 54 13.98 9.84 -2.41
CA LEU A 54 14.25 9.14 -1.16
C LEU A 54 15.57 8.38 -1.15
N ALA A 55 15.91 7.79 -2.29
CA ALA A 55 17.12 7.00 -2.42
C ALA A 55 18.39 7.83 -2.37
N GLU A 56 18.27 9.17 -2.42
CA GLU A 56 19.41 10.06 -2.16
C GLU A 56 19.90 9.96 -0.74
N ASP A 57 18.99 9.62 0.17
CA ASP A 57 19.29 9.70 1.61
C ASP A 57 19.01 8.44 2.41
N TYR A 58 18.32 7.46 1.78
CA TYR A 58 17.85 6.27 2.49
C TYR A 58 18.08 5.05 1.59
N SER A 59 18.08 3.89 2.21
CA SER A 59 17.97 2.64 1.50
C SER A 59 16.54 2.41 1.11
N VAL A 60 16.25 2.41 -0.14
CA VAL A 60 14.84 2.30 -0.63
C VAL A 60 14.60 0.93 -1.26
N VAL A 61 13.54 0.29 -0.77
CA VAL A 61 13.07 -0.99 -1.25
C VAL A 61 11.63 -0.83 -1.77
N LEU A 62 11.43 -1.10 -3.06
CA LEU A 62 10.10 -1.09 -3.70
C LEU A 62 9.72 -2.53 -3.97
N ALA A 63 8.52 -2.94 -3.56
CA ALA A 63 8.10 -4.33 -3.82
C ALA A 63 6.77 -4.36 -4.53
N ASP A 64 6.60 -5.38 -5.35
CA ASP A 64 5.27 -5.73 -5.90
C ASP A 64 4.63 -6.60 -4.80
N LEU A 65 3.41 -6.25 -4.41
CA LEU A 65 2.65 -7.09 -3.45
C LEU A 65 2.37 -8.46 -4.05
N ARG A 66 2.28 -9.47 -3.20
CA ARG A 66 2.04 -10.82 -3.63
C ARG A 66 0.84 -10.87 -4.54
N GLY A 67 1.04 -11.42 -5.74
CA GLY A 67 -0.04 -11.52 -6.77
C GLY A 67 -0.15 -10.35 -7.72
N TYR A 68 0.35 -9.20 -7.31
CA TYR A 68 0.35 -8.01 -8.14
C TYR A 68 1.64 -7.94 -8.95
N GLY A 69 1.59 -7.23 -10.07
CA GLY A 69 2.77 -7.00 -10.89
C GLY A 69 3.44 -8.30 -11.26
N GLU A 70 4.73 -8.40 -10.89
CA GLU A 70 5.54 -9.59 -11.12
C GLU A 70 5.73 -10.50 -9.95
N SER A 71 5.05 -10.22 -8.85
CA SER A 71 5.11 -11.05 -7.65
C SER A 71 4.04 -12.11 -7.69
N ARG A 72 4.37 -13.30 -7.21
CA ARG A 72 3.41 -14.39 -7.30
C ARG A 72 3.53 -15.32 -6.13
N ALA A 73 2.40 -15.86 -5.70
CA ALA A 73 2.38 -16.89 -4.73
C ALA A 73 2.94 -18.16 -5.41
N LEU A 74 3.61 -19.00 -4.65
CA LEU A 74 4.06 -20.32 -5.19
C LEU A 74 2.88 -21.28 -5.47
N ASP A 75 1.75 -21.07 -4.77
CA ASP A 75 0.43 -21.68 -5.06
C ASP A 75 -0.63 -20.60 -5.34
N GLY A 78 -4.42 -22.06 -4.23
CA GLY A 78 -5.11 -21.78 -2.99
C GLY A 78 -4.29 -20.91 -2.04
N ALA A 79 -3.49 -19.99 -2.58
CA ALA A 79 -2.62 -19.21 -1.75
C ALA A 79 -3.39 -18.25 -0.82
N ASP A 80 -2.72 -17.85 0.25
CA ASP A 80 -3.21 -16.87 1.21
C ASP A 80 -2.85 -15.45 0.70
N TYR A 81 -3.86 -14.63 0.46
CA TYR A 81 -3.63 -13.24 0.01
C TYR A 81 -4.16 -12.23 1.06
N SER A 82 -4.21 -12.67 2.33
CA SER A 82 -4.58 -11.78 3.42
C SER A 82 -3.46 -10.77 3.70
N LYS A 83 -3.79 -9.62 4.29
CA LYS A 83 -2.75 -8.67 4.66
C LYS A 83 -1.70 -9.27 5.59
N ALA A 84 -2.07 -10.19 6.47
CA ALA A 84 -1.15 -10.82 7.41
C ALA A 84 -0.10 -11.59 6.60
N ALA A 85 -0.53 -12.32 5.56
CA ALA A 85 0.40 -13.11 4.69
C ALA A 85 1.35 -12.20 3.95
N LEU A 86 0.81 -11.10 3.41
CA LEU A 86 1.62 -10.16 2.66
C LEU A 86 2.55 -9.40 3.62
N ALA A 87 2.12 -9.20 4.85
CA ALA A 87 3.01 -8.63 5.89
C ALA A 87 4.21 -9.54 6.17
N ARG A 88 3.96 -10.82 6.32
CA ARG A 88 5.06 -11.82 6.43
C ARG A 88 6.01 -11.77 5.25
N ASP A 89 5.49 -11.59 4.04
CA ASP A 89 6.36 -11.42 2.83
C ASP A 89 7.34 -10.25 3.02
N GLN A 90 6.85 -9.17 3.62
CA GLN A 90 7.67 -7.97 3.81
C GLN A 90 8.76 -8.21 4.86
N LEU A 91 8.43 -8.91 5.94
CA LEU A 91 9.46 -9.23 6.94
C LEU A 91 10.54 -10.09 6.31
N GLU A 92 10.13 -11.06 5.52
CA GLU A 92 11.10 -11.95 4.87
C GLU A 92 11.95 -11.22 3.81
N THR A 93 11.30 -10.39 3.03
CA THR A 93 11.95 -9.59 2.00
C THR A 93 13.03 -8.68 2.65
N MET A 94 12.62 -7.87 3.62
CA MET A 94 13.56 -6.99 4.26
C MET A 94 14.68 -7.74 4.98
N GLY A 95 14.31 -8.79 5.66
CA GLY A 95 15.31 -9.65 6.32
C GLY A 95 16.35 -10.18 5.35
N GLN A 96 15.89 -10.68 4.20
CA GLN A 96 16.85 -11.16 3.18
C GLN A 96 17.83 -10.08 2.75
N LEU A 97 17.31 -8.87 2.56
CA LEU A 97 18.07 -7.71 2.14
C LEU A 97 19.02 -7.16 3.21
N GLY A 98 18.85 -7.62 4.45
CA GLY A 98 19.73 -7.26 5.55
C GLY A 98 19.12 -6.36 6.61
N PHE A 99 17.80 -6.23 6.64
CA PHE A 99 17.13 -5.33 7.59
C PHE A 99 16.11 -6.06 8.46
N GLU A 100 16.34 -6.00 9.78
CA GLU A 100 15.41 -6.51 10.78
C GLU A 100 14.37 -5.48 11.23
N ARG A 101 14.67 -4.20 10.97
CA ARG A 101 13.88 -3.06 11.38
CA ARG A 101 13.83 -3.06 11.36
C ARG A 101 13.92 -2.02 10.26
N PHE A 102 12.77 -1.42 9.95
CA PHE A 102 12.64 -0.55 8.80
C PHE A 102 11.38 0.27 8.86
N ALA A 103 11.38 1.39 8.13
CA ALA A 103 10.17 2.23 8.02
C ALA A 103 9.38 1.69 6.81
N VAL A 104 8.05 1.89 6.88
CA VAL A 104 7.10 1.45 5.88
C VAL A 104 6.29 2.65 5.42
N ILE A 105 6.20 2.81 4.10
CA ILE A 105 5.39 3.85 3.45
C ILE A 105 4.48 3.12 2.49
N GLY A 106 3.17 3.19 2.74
CA GLY A 106 2.20 2.44 1.95
C GLY A 106 1.18 3.36 1.30
N HIS A 107 0.66 2.96 0.16
CA HIS A 107 -0.43 3.65 -0.53
C HIS A 107 -1.50 2.63 -0.84
N ASP A 108 -2.76 2.95 -0.56
CA ASP A 108 -3.88 2.10 -0.96
C ASP A 108 -3.66 0.69 -0.38
N ARG A 109 -3.73 -0.41 -1.15
CA ARG A 109 -3.60 -1.72 -0.49
C ARG A 109 -2.28 -1.88 0.27
N GLY A 110 -1.22 -1.24 -0.23
CA GLY A 110 0.07 -1.27 0.42
C GLY A 110 0.08 -0.74 1.84
N ALA A 111 -0.73 0.29 2.10
CA ALA A 111 -0.85 0.83 3.43
C ALA A 111 -1.53 -0.16 4.34
N ARG A 112 -2.44 -0.98 3.75
CA ARG A 112 -3.16 -2.02 4.52
C ARG A 112 -2.21 -3.16 4.95
N VAL A 113 -1.33 -3.53 4.03
CA VAL A 113 -0.27 -4.48 4.36
C VAL A 113 0.59 -3.85 5.46
N GLY A 114 0.94 -2.59 5.28
CA GLY A 114 1.83 -1.92 6.20
C GLY A 114 1.34 -1.83 7.62
N TYR A 115 0.09 -1.44 7.84
CA TYR A 115 -0.39 -1.29 9.20
C TYR A 115 -0.57 -2.63 9.86
N ARG A 116 -0.92 -3.65 9.09
CA ARG A 116 -0.99 -5.01 9.64
C ARG A 116 0.38 -5.49 10.08
N LEU A 117 1.38 -5.24 9.24
CA LEU A 117 2.76 -5.56 9.58
C LEU A 117 3.18 -4.85 10.89
N ALA A 118 2.84 -3.55 11.00
CA ALA A 118 3.23 -2.79 12.20
C ALA A 118 2.54 -3.29 13.47
N LEU A 119 1.26 -3.63 13.35
CA LEU A 119 0.52 -4.20 14.50
C LEU A 119 1.07 -5.53 14.98
N ASP A 120 1.36 -6.40 14.04
CA ASP A 120 1.80 -7.79 14.34
C ASP A 120 3.28 -7.87 14.74
N HIS A 121 4.07 -6.93 14.24
CA HIS A 121 5.51 -6.94 14.42
C HIS A 121 6.05 -5.60 14.81
N PRO A 122 5.69 -5.14 16.01
CA PRO A 122 6.05 -3.80 16.40
C PRO A 122 7.57 -3.57 16.50
N GLN A 123 8.38 -4.61 16.75
CA GLN A 123 9.81 -4.36 16.84
CA GLN A 123 9.83 -4.46 16.82
C GLN A 123 10.44 -4.19 15.43
N ALA A 124 9.74 -4.62 14.37
CA ALA A 124 10.27 -4.50 13.04
C ALA A 124 9.98 -3.15 12.36
N VAL A 125 8.91 -2.46 12.76
CA VAL A 125 8.47 -1.31 12.03
C VAL A 125 8.84 -0.02 12.79
N ALA A 126 9.85 0.69 12.27
CA ALA A 126 10.43 1.88 12.88
C ALA A 126 9.52 3.08 12.83
N ALA A 127 8.76 3.18 11.73
CA ALA A 127 7.85 4.31 11.46
C ALA A 127 6.95 3.87 10.32
N PHE A 128 5.76 4.45 10.27
CA PHE A 128 4.72 4.05 9.30
C PHE A 128 4.03 5.26 8.71
N VAL A 129 3.95 5.30 7.41
CA VAL A 129 3.23 6.35 6.67
C VAL A 129 2.12 5.72 5.83
N SER A 130 0.90 6.20 6.07
CA SER A 130 -0.26 5.82 5.25
C SER A 130 -0.59 6.95 4.26
N LEU A 131 -0.64 6.64 2.95
CA LEU A 131 -1.07 7.57 1.95
C LEU A 131 -2.52 7.27 1.58
N ASP A 132 -3.38 8.09 2.21
CA ASP A 132 -4.85 8.10 2.01
C ASP A 132 -5.60 6.80 2.28
N VAL A 133 -5.20 6.15 3.40
CA VAL A 133 -5.80 4.94 3.87
C VAL A 133 -6.03 4.94 5.35
N VAL A 134 -7.21 4.47 5.77
CA VAL A 134 -7.48 4.12 7.16
C VAL A 134 -7.73 2.61 7.26
N PRO A 135 -7.70 2.07 8.51
CA PRO A 135 -7.92 0.64 8.61
C PRO A 135 -9.29 0.17 8.09
N ILE A 136 -9.27 -1.02 7.56
CA ILE A 136 -10.48 -1.62 6.98
C ILE A 136 -11.64 -1.67 7.95
N LEU A 137 -11.32 -1.91 9.23
CA LEU A 137 -12.40 -1.88 10.24
C LEU A 137 -13.20 -0.58 10.19
N ASP A 138 -12.49 0.53 10.14
CA ASP A 138 -13.08 1.88 10.03
C ASP A 138 -13.84 2.04 8.71
N ASN A 139 -13.29 1.58 7.60
CA ASN A 139 -14.00 1.64 6.28
C ASN A 139 -15.33 0.90 6.32
N TRP A 140 -15.34 -0.32 6.88
CA TRP A 140 -16.58 -1.06 6.86
C TRP A 140 -17.65 -0.38 7.70
N ALA A 141 -17.27 0.24 8.81
CA ALA A 141 -18.23 0.91 9.65
C ALA A 141 -18.89 2.11 8.98
N ALA A 142 -18.22 2.63 7.97
CA ALA A 142 -18.63 3.85 7.24
C ALA A 142 -19.54 3.55 6.03
N VAL A 143 -19.76 2.28 5.76
CA VAL A 143 -20.54 1.93 4.53
C VAL A 143 -21.94 2.50 4.58
N ASN A 144 -22.35 3.18 3.51
CA ASN A 144 -23.69 3.66 3.30
C ASN A 144 -23.86 3.68 1.76
N LYS A 145 -25.02 4.16 1.29
CA LYS A 145 -25.35 4.19 -0.13
C LYS A 145 -24.25 4.86 -0.95
N VAL A 146 -23.81 6.06 -0.55
CA VAL A 146 -22.78 6.79 -1.30
C VAL A 146 -21.44 6.08 -1.31
N PHE A 147 -21.06 5.44 -0.21
CA PHE A 147 -19.78 4.74 -0.14
C PHE A 147 -19.83 3.61 -1.15
N ALA A 148 -20.94 2.86 -1.14
CA ALA A 148 -21.02 1.61 -1.92
C ALA A 148 -21.09 1.92 -3.42
N LEU A 149 -21.69 3.06 -3.76
CA LEU A 149 -21.67 3.53 -5.18
C LEU A 149 -20.26 3.95 -5.62
N ASN A 150 -19.57 4.73 -4.76
N ASN A 150 -19.55 4.66 -4.74
CA ASN A 150 -18.22 5.24 -5.07
CA ASN A 150 -18.24 5.21 -5.07
C ASN A 150 -17.26 4.05 -5.20
C ASN A 150 -17.18 4.11 -5.14
N ALA A 151 -17.27 3.19 -4.18
CA ALA A 151 -16.40 2.05 -4.09
C ALA A 151 -17.09 0.74 -4.45
N TYR A 152 -17.82 0.72 -5.55
CA TYR A 152 -18.61 -0.44 -5.95
C TYR A 152 -17.72 -1.65 -6.10
N HIS A 153 -16.45 -1.42 -6.50
CA HIS A 153 -15.58 -2.54 -6.73
C HIS A 153 -15.16 -3.28 -5.48
N TRP A 154 -15.21 -2.63 -4.35
CA TRP A 154 -14.96 -3.30 -3.08
C TRP A 154 -15.92 -4.43 -2.84
N PHE A 155 -17.16 -4.26 -3.35
CA PHE A 155 -18.21 -5.25 -3.23
C PHE A 155 -18.23 -6.23 -4.39
N LEU A 156 -17.94 -5.76 -5.59
CA LEU A 156 -17.85 -6.67 -6.74
C LEU A 156 -16.67 -7.67 -6.58
N LEU A 157 -15.47 -7.15 -6.27
CA LEU A 157 -14.26 -7.98 -6.33
C LEU A 157 -14.22 -8.97 -5.15
N ALA A 158 -15.07 -8.74 -4.14
CA ALA A 158 -15.19 -9.61 -2.97
C ALA A 158 -16.26 -10.72 -3.12
N GLN A 159 -16.96 -10.78 -4.27
CA GLN A 159 -17.97 -11.76 -4.49
C GLN A 159 -17.23 -13.11 -4.62
N PRO A 160 -17.95 -14.22 -4.37
CA PRO A 160 -17.29 -15.53 -4.41
C PRO A 160 -16.64 -15.88 -5.75
N TYR A 161 -15.52 -16.61 -5.65
CA TYR A 161 -14.82 -17.10 -6.81
C TYR A 161 -15.81 -17.88 -7.68
N ASP A 162 -15.91 -17.65 -8.99
CA ASP A 162 -15.04 -16.81 -9.84
C ASP A 162 -15.84 -15.71 -10.52
N LEU A 163 -16.87 -15.22 -9.83
CA LEU A 163 -17.70 -14.18 -10.42
C LEU A 163 -16.95 -12.93 -10.90
N PRO A 164 -16.22 -12.25 -9.97
CA PRO A 164 -15.58 -11.03 -10.46
C PRO A 164 -14.43 -11.32 -11.45
N GLU A 165 -13.78 -12.47 -11.32
CA GLU A 165 -12.74 -12.83 -12.26
C GLU A 165 -13.31 -12.94 -13.67
N ARG A 166 -14.52 -13.50 -13.79
CA ARG A 166 -15.18 -13.55 -15.06
C ARG A 166 -15.48 -12.20 -15.67
N LEU A 167 -16.01 -11.29 -14.84
CA LEU A 167 -16.42 -10.01 -15.30
C LEU A 167 -15.24 -9.11 -15.68
N ILE A 168 -14.24 -9.01 -14.82
CA ILE A 168 -13.10 -8.12 -15.08
C ILE A 168 -12.11 -8.70 -16.11
N GLY A 169 -12.19 -10.00 -16.32
CA GLY A 169 -11.29 -10.71 -17.22
C GLY A 169 -11.70 -10.71 -18.68
N ALA A 170 -12.90 -10.22 -18.96
CA ALA A 170 -13.43 -10.25 -20.32
C ALA A 170 -12.66 -9.31 -21.26
N ASP A 171 -12.47 -8.06 -20.81
CA ASP A 171 -11.72 -7.03 -21.55
C ASP A 171 -10.85 -6.38 -20.51
N PRO A 172 -9.77 -7.04 -20.14
CA PRO A 172 -9.03 -6.57 -18.97
C PRO A 172 -8.42 -5.18 -19.09
N GLU A 173 -7.79 -4.89 -20.24
CA GLU A 173 -7.15 -3.61 -20.38
C GLU A 173 -8.17 -2.46 -20.34
N HIS A 174 -9.36 -2.67 -20.90
CA HIS A 174 -10.38 -1.65 -20.80
C HIS A 174 -10.78 -1.34 -19.35
N PHE A 175 -10.96 -2.39 -18.55
CA PHE A 175 -11.41 -2.22 -17.17
C PHE A 175 -10.26 -1.55 -16.35
N LEU A 176 -9.01 -1.96 -16.65
CA LEU A 176 -7.84 -1.42 -15.96
C LEU A 176 -7.79 0.09 -16.23
N ASP A 177 -7.84 0.46 -17.50
CA ASP A 177 -7.70 1.86 -17.88
C ASP A 177 -8.84 2.69 -17.28
N TYR A 178 -10.06 2.18 -17.41
CA TYR A 178 -11.23 2.86 -16.80
C TYR A 178 -11.01 3.12 -15.33
N THR A 179 -10.61 2.07 -14.62
CA THR A 179 -10.35 2.15 -13.18
C THR A 179 -9.32 3.19 -12.84
N LEU A 180 -8.21 3.18 -13.58
CA LEU A 180 -7.17 4.18 -13.35
C LEU A 180 -7.65 5.61 -13.59
N ARG A 181 -8.40 5.83 -14.67
CA ARG A 181 -8.95 7.16 -14.94
C ARG A 181 -9.87 7.61 -13.81
N ARG A 182 -10.70 6.67 -13.33
CA ARG A 182 -11.68 7.00 -12.30
C ARG A 182 -10.95 7.34 -10.98
N MET A 183 -9.93 6.54 -10.61
CA MET A 183 -9.17 6.79 -9.40
C MET A 183 -8.39 8.10 -9.43
N ALA A 184 -7.93 8.48 -10.63
CA ALA A 184 -7.25 9.77 -10.85
C ALA A 184 -8.21 10.96 -11.00
N GLN A 185 -9.52 10.74 -10.90
CA GLN A 185 -10.48 11.81 -11.15
C GLN A 185 -10.23 12.50 -12.48
N GLY A 186 -9.88 11.69 -13.47
CA GLY A 186 -9.62 12.18 -14.84
C GLY A 186 -8.36 12.98 -15.12
N ARG A 187 -7.48 13.10 -14.12
CA ARG A 187 -6.22 13.82 -14.28
C ARG A 187 -5.16 12.96 -14.97
N ASP A 188 -4.30 13.62 -15.74
CA ASP A 188 -3.31 12.95 -16.58
C ASP A 188 -2.04 12.71 -15.77
N ILE A 189 -2.09 11.68 -14.93
CA ILE A 189 -1.02 11.42 -13.95
C ILE A 189 -0.21 10.16 -14.21
N TYR A 190 -0.61 9.39 -15.23
CA TYR A 190 0.04 8.11 -15.47
C TYR A 190 1.04 8.18 -16.56
N HIS A 191 2.29 8.05 -16.18
CA HIS A 191 3.39 7.97 -17.17
C HIS A 191 3.07 6.83 -18.12
N PRO A 192 3.18 7.06 -19.46
CA PRO A 192 2.73 6.05 -20.39
C PRO A 192 3.48 4.72 -20.26
N GLN A 193 4.73 4.76 -19.83
CA GLN A 193 5.44 3.52 -19.63
C GLN A 193 5.11 2.76 -18.33
N ALA A 194 4.86 3.48 -17.23
CA ALA A 194 4.28 2.92 -16.01
C ALA A 194 2.91 2.27 -16.39
N LEU A 195 2.13 2.96 -17.20
CA LEU A 195 0.81 2.46 -17.56
C LEU A 195 0.92 1.10 -18.32
N GLU A 196 1.91 0.94 -19.20
CA GLU A 196 2.05 -0.37 -19.90
C GLU A 196 2.41 -1.51 -18.91
N SER A 197 3.13 -1.16 -17.84
CA SER A 197 3.42 -2.14 -16.79
C SER A 197 2.14 -2.53 -16.01
N TYR A 198 1.33 -1.52 -15.63
CA TYR A 198 0.05 -1.79 -14.99
C TYR A 198 -0.86 -2.63 -15.89
N ARG A 199 -0.89 -2.29 -17.16
CA ARG A 199 -1.74 -3.00 -18.11
C ARG A 199 -1.30 -4.45 -18.24
N ARG A 200 0.02 -4.67 -18.41
CA ARG A 200 0.52 -6.04 -18.59
C ARG A 200 0.15 -6.93 -17.41
N ALA A 201 0.32 -6.39 -16.21
CA ALA A 201 -0.06 -7.14 -14.99
C ALA A 201 -1.56 -7.49 -15.01
N PHE A 202 -2.39 -6.52 -15.36
CA PHE A 202 -3.84 -6.74 -15.28
C PHE A 202 -4.33 -7.71 -16.37
N ARG A 203 -3.55 -7.80 -17.47
CA ARG A 203 -3.83 -8.79 -18.55
C ARG A 203 -3.51 -10.24 -18.09
N ASP A 204 -2.84 -10.40 -16.94
CA ASP A 204 -2.46 -11.75 -16.44
C ASP A 204 -3.61 -12.25 -15.54
N PRO A 205 -4.31 -13.32 -15.94
CA PRO A 205 -5.43 -13.78 -15.09
C PRO A 205 -5.05 -14.06 -13.63
N ALA A 206 -3.79 -14.44 -13.38
CA ALA A 206 -3.37 -14.76 -12.03
C ALA A 206 -3.35 -13.49 -11.18
N VAL A 207 -3.00 -12.38 -11.80
CA VAL A 207 -2.95 -11.07 -11.11
C VAL A 207 -4.40 -10.63 -10.79
N ARG A 208 -5.30 -10.74 -11.75
CA ARG A 208 -6.69 -10.39 -11.49
C ARG A 208 -7.27 -11.24 -10.39
N HIS A 209 -6.95 -12.55 -10.38
CA HIS A 209 -7.40 -13.40 -9.29
C HIS A 209 -6.83 -12.99 -7.94
N ALA A 210 -5.55 -12.64 -7.90
CA ALA A 210 -4.89 -12.21 -6.65
C ALA A 210 -5.56 -10.95 -6.11
N MET A 211 -5.94 -10.05 -7.01
CA MET A 211 -6.60 -8.79 -6.63
C MET A 211 -7.97 -9.12 -6.03
N CYS A 212 -8.73 -10.01 -6.67
CA CYS A 212 -10.02 -10.39 -6.06
C CYS A 212 -9.78 -10.98 -4.68
N GLU A 213 -8.77 -11.85 -4.54
CA GLU A 213 -8.48 -12.48 -3.27
C GLU A 213 -8.14 -11.45 -2.18
N ASP A 214 -7.42 -10.39 -2.55
CA ASP A 214 -7.16 -9.23 -1.64
C ASP A 214 -8.48 -8.63 -1.14
N TYR A 215 -9.40 -8.31 -2.09
CA TYR A 215 -10.70 -7.75 -1.71
C TYR A 215 -11.59 -8.70 -0.88
N ARG A 216 -11.49 -10.00 -1.15
CA ARG A 216 -12.18 -11.00 -0.32
C ARG A 216 -11.61 -11.01 1.11
N ALA A 217 -10.30 -10.97 1.21
CA ALA A 217 -9.64 -10.95 2.52
C ALA A 217 -10.06 -9.70 3.31
N ALA A 218 -10.25 -8.57 2.61
CA ALA A 218 -10.58 -7.32 3.26
C ALA A 218 -11.92 -7.45 3.98
N VAL A 219 -12.85 -8.12 3.32
CA VAL A 219 -14.18 -8.36 3.94
C VAL A 219 -14.06 -9.24 5.18
N GLY A 220 -13.29 -10.32 5.02
CA GLY A 220 -13.22 -11.40 5.99
C GLY A 220 -12.06 -11.33 6.98
N VAL A 221 -11.02 -12.15 6.73
CA VAL A 221 -9.93 -12.31 7.73
C VAL A 221 -9.24 -10.98 8.07
N ASP A 222 -9.13 -10.03 7.13
CA ASP A 222 -8.40 -8.77 7.45
C ASP A 222 -9.19 -7.95 8.46
N ALA A 223 -10.51 -7.95 8.32
CA ALA A 223 -11.37 -7.20 9.22
C ALA A 223 -11.45 -7.85 10.61
N ASP A 224 -11.42 -9.19 10.61
CA ASP A 224 -11.38 -9.99 11.86
C ASP A 224 -10.08 -9.65 12.61
N ALA A 225 -8.97 -9.60 11.89
CA ALA A 225 -7.69 -9.24 12.52
C ALA A 225 -7.72 -7.87 13.13
N ASP A 226 -8.27 -6.89 12.42
CA ASP A 226 -8.30 -5.53 12.93
C ASP A 226 -9.20 -5.50 14.21
N GLN A 227 -10.32 -6.23 14.15
CA GLN A 227 -11.25 -6.25 15.30
C GLN A 227 -10.55 -6.85 16.54
N ALA A 228 -9.75 -7.90 16.34
CA ALA A 228 -9.09 -8.56 17.44
C ALA A 228 -8.07 -7.59 18.09
N ASP A 229 -7.37 -6.79 17.27
CA ASP A 229 -6.47 -5.78 17.81
C ASP A 229 -7.24 -4.69 18.58
N ARG A 230 -8.36 -4.25 18.01
CA ARG A 230 -9.17 -3.26 18.70
CA ARG A 230 -9.24 -3.27 18.66
C ARG A 230 -9.67 -3.81 20.02
N ASP A 231 -10.09 -5.07 20.02
CA ASP A 231 -10.54 -5.73 21.23
C ASP A 231 -9.46 -5.75 22.31
N ALA A 232 -8.24 -6.08 21.88
CA ALA A 232 -7.08 -6.17 22.75
C ALA A 232 -6.55 -4.81 23.12
N GLY A 233 -6.98 -3.73 22.45
CA GLY A 233 -6.35 -2.40 22.68
C GLY A 233 -4.91 -2.32 22.14
N ARG A 234 -4.62 -3.15 21.15
CA ARG A 234 -3.31 -3.22 20.51
C ARG A 234 -3.19 -2.13 19.46
N ARG A 235 -2.14 -1.34 19.57
CA ARG A 235 -1.94 -0.12 18.77
C ARG A 235 -0.58 -0.19 18.06
N LEU A 236 -0.41 0.56 16.98
CA LEU A 236 0.93 0.71 16.34
C LEU A 236 1.79 1.41 17.40
N GLN A 237 3.04 0.97 17.51
CA GLN A 237 3.98 1.43 18.52
C GLN A 237 4.99 2.51 18.02
N CYS A 238 5.01 2.74 16.69
CA CYS A 238 5.96 3.62 16.06
C CYS A 238 5.27 4.95 15.76
N PRO A 239 6.07 5.96 15.39
CA PRO A 239 5.49 7.17 14.83
C PRO A 239 4.73 6.87 13.55
N VAL A 240 3.57 7.49 13.42
CA VAL A 240 2.68 7.33 12.26
C VAL A 240 2.48 8.70 11.61
N GLN A 241 2.56 8.72 10.28
CA GLN A 241 2.12 9.86 9.52
C GLN A 241 0.99 9.39 8.58
N VAL A 242 -0.08 10.18 8.48
CA VAL A 242 -1.14 9.94 7.48
C VAL A 242 -1.26 11.20 6.62
N LEU A 243 -1.22 11.00 5.32
CA LEU A 243 -1.43 12.08 4.33
C LEU A 243 -2.70 11.70 3.59
N TRP A 244 -3.71 12.56 3.67
CA TRP A 244 -5.04 12.26 3.16
C TRP A 244 -5.50 13.19 2.08
N GLN A 245 -6.43 12.71 1.26
CA GLN A 245 -7.04 13.50 0.24
C GLN A 245 -7.86 14.62 0.89
N GLU A 246 -7.66 15.84 0.39
CA GLU A 246 -8.49 16.99 0.82
C GLU A 246 -9.93 16.80 0.29
N ARG A 247 -10.81 16.55 1.23
CA ARG A 247 -12.26 16.33 0.99
C ARG A 247 -12.98 16.40 2.34
N PRO A 248 -14.32 16.53 2.34
CA PRO A 248 -15.00 16.56 3.63
C PRO A 248 -15.04 15.20 4.28
N TYR A 249 -14.88 15.13 5.59
CA TYR A 249 -14.98 13.86 6.34
C TYR A 249 -16.07 13.98 7.39
N ALA A 250 -16.98 13.01 7.34
CA ALA A 250 -18.06 12.89 8.31
C ALA A 250 -17.51 12.70 9.71
N ALA A 251 -18.35 12.91 10.71
CA ALA A 251 -17.94 12.75 12.10
C ALA A 251 -17.42 11.36 12.32
N GLY A 252 -16.25 11.30 12.93
CA GLY A 252 -15.58 10.04 13.25
C GLY A 252 -14.82 9.42 12.09
N GLN A 253 -14.84 10.08 10.94
CA GLN A 253 -14.22 9.55 9.74
CA GLN A 253 -14.17 9.57 9.76
C GLN A 253 -12.93 10.36 9.32
N HIS A 254 -12.57 11.41 10.05
CA HIS A 254 -11.39 12.15 9.67
C HIS A 254 -10.15 11.26 9.83
N PRO A 255 -9.25 11.20 8.84
CA PRO A 255 -8.17 10.20 8.91
C PRO A 255 -7.19 10.42 10.07
N LEU A 256 -6.97 11.64 10.45
CA LEU A 256 -6.09 11.92 11.61
C LEU A 256 -6.73 11.38 12.89
N GLU A 257 -8.00 11.67 13.04
CA GLU A 257 -8.77 11.18 14.21
C GLU A 257 -8.76 9.67 14.24
N ILE A 258 -9.04 9.04 13.12
CA ILE A 258 -9.00 7.60 13.04
C ILE A 258 -7.66 7.01 13.41
N TRP A 259 -6.60 7.50 12.80
CA TRP A 259 -5.28 6.96 13.18
C TRP A 259 -4.91 7.18 14.64
N LYS A 260 -5.38 8.27 15.29
CA LYS A 260 -5.13 8.45 16.71
C LYS A 260 -5.85 7.42 17.58
N THR A 261 -6.86 6.75 17.02
CA THR A 261 -7.46 5.61 17.74
C THR A 261 -6.68 4.31 17.61
N TRP A 262 -5.70 4.32 16.71
CA TRP A 262 -4.88 3.13 16.41
C TRP A 262 -3.44 3.24 16.84
N ALA A 263 -3.03 4.41 17.31
CA ALA A 263 -1.61 4.72 17.54
C ALA A 263 -1.48 5.92 18.46
N GLY A 264 -0.51 5.89 19.37
CA GLY A 264 -0.26 6.99 20.25
C GLY A 264 0.49 8.18 19.69
N GLN A 265 1.21 7.94 18.60
CA GLN A 265 2.08 8.98 18.00
C GLN A 265 1.71 9.15 16.53
N VAL A 266 0.87 10.15 16.27
CA VAL A 266 0.27 10.36 14.96
C VAL A 266 0.37 11.84 14.58
N GLU A 267 0.73 12.07 13.31
CA GLU A 267 0.70 13.34 12.68
C GLU A 267 0.19 13.17 11.25
N GLY A 268 -0.10 14.28 10.59
CA GLY A 268 -0.51 14.24 9.24
C GLY A 268 -0.89 15.56 8.60
N ALA A 269 -1.33 15.47 7.34
CA ALA A 269 -1.69 16.65 6.57
C ALA A 269 -2.63 16.25 5.42
N ALA A 270 -3.46 17.22 5.03
CA ALA A 270 -4.31 17.11 3.84
C ALA A 270 -3.43 17.45 2.59
N ILE A 271 -3.62 16.70 1.51
CA ILE A 271 -2.90 16.94 0.27
C ILE A 271 -3.93 17.22 -0.84
N GLY A 272 -3.85 18.35 -1.49
CA GLY A 272 -4.72 18.64 -2.64
C GLY A 272 -4.47 17.79 -3.93
N ALA A 273 -5.17 16.67 -3.99
CA ALA A 273 -5.00 15.74 -5.07
C ALA A 273 -6.03 14.61 -4.97
N SER A 274 -5.97 13.67 -5.90
CA SER A 274 -6.85 12.60 -5.88
C SER A 274 -6.34 11.62 -4.84
N HIS A 275 -6.96 10.47 -4.84
CA HIS A 275 -6.51 9.36 -4.00
C HIS A 275 -5.13 8.86 -4.43
N MET A 276 -4.71 9.13 -5.67
CA MET A 276 -3.47 8.56 -6.23
C MET A 276 -2.24 9.39 -5.87
N LEU A 277 -2.06 9.60 -4.59
CA LEU A 277 -1.03 10.53 -4.06
C LEU A 277 0.37 10.34 -4.62
N PRO A 278 0.86 9.08 -4.74
CA PRO A 278 2.22 8.96 -5.26
C PRO A 278 2.44 9.62 -6.61
N GLU A 279 1.49 9.42 -7.54
CA GLU A 279 1.62 9.95 -8.89
C GLU A 279 1.04 11.34 -9.07
N ASP A 280 0.01 11.68 -8.31
CA ASP A 280 -0.71 12.94 -8.51
C ASP A 280 -0.03 14.12 -7.79
N ALA A 281 0.51 13.88 -6.59
CA ALA A 281 1.08 14.92 -5.71
C ALA A 281 2.47 14.57 -5.16
N PRO A 282 3.39 14.14 -6.02
CA PRO A 282 4.66 13.66 -5.50
C PRO A 282 5.47 14.69 -4.75
N ASP A 283 5.47 15.95 -5.19
CA ASP A 283 6.31 16.90 -4.47
C ASP A 283 5.74 17.27 -3.11
N ALA A 284 4.40 17.35 -2.99
CA ALA A 284 3.76 17.58 -1.69
C ALA A 284 4.02 16.39 -0.79
N VAL A 285 3.90 15.19 -1.34
CA VAL A 285 4.14 13.98 -0.54
C VAL A 285 5.58 13.96 -0.06
N LEU A 286 6.52 14.21 -0.96
CA LEU A 286 7.94 14.23 -0.60
C LEU A 286 8.25 15.21 0.51
N GLU A 287 7.70 16.42 0.44
CA GLU A 287 8.04 17.39 1.44
C GLU A 287 7.62 16.84 2.82
N HIS A 288 6.42 16.29 2.89
CA HIS A 288 5.93 15.72 4.15
C HIS A 288 6.69 14.51 4.63
N LEU A 289 7.02 13.63 3.70
CA LEU A 289 7.75 12.39 4.02
C LEU A 289 9.10 12.73 4.53
N LEU A 290 9.78 13.62 3.81
CA LEU A 290 11.13 13.93 4.19
C LEU A 290 11.18 14.59 5.56
N GLY A 291 10.24 15.46 5.84
CA GLY A 291 10.18 16.15 7.12
C GLY A 291 9.90 15.16 8.24
N PHE A 292 8.98 14.22 7.99
CA PHE A 292 8.61 13.24 8.98
C PHE A 292 9.82 12.33 9.30
N LEU A 293 10.47 11.82 8.27
CA LEU A 293 11.60 10.93 8.47
C LEU A 293 12.74 11.64 9.21
N ALA A 294 13.03 12.87 8.82
CA ALA A 294 14.01 13.70 9.53
C ALA A 294 13.66 13.95 11.00
N SER A 295 12.40 14.24 11.29
CA SER A 295 12.00 14.53 12.64
CA SER A 295 11.95 14.51 12.64
C SER A 295 12.04 13.30 13.52
N HIS A 296 11.93 12.11 12.93
CA HIS A 296 11.94 10.86 13.70
C HIS A 296 13.17 10.08 13.41
N ARG A 297 14.29 10.77 13.20
CA ARG A 297 15.52 10.06 12.91
C ARG A 297 15.96 9.14 14.10
N GLU A 298 15.63 9.50 15.35
CA GLU A 298 15.91 8.61 16.47
C GLU A 298 15.15 7.28 16.39
N ALA A 299 13.86 7.32 16.01
CA ALA A 299 13.03 6.15 15.84
C ALA A 299 13.69 5.17 14.85
N LEU A 300 14.31 5.72 13.83
CA LEU A 300 14.88 4.90 12.77
C LEU A 300 16.13 4.19 13.28
N ARG A 301 16.80 4.72 14.31
CA ARG A 301 18.05 4.11 14.77
C ARG A 301 17.84 2.68 15.26
S SO4 B . 7.27 12.29 -15.37
O1 SO4 B . 8.59 11.97 -15.99
O2 SO4 B . 6.19 11.44 -15.93
O3 SO4 B . 6.93 13.69 -15.70
O4 SO4 B . 7.41 12.08 -13.90
S SO4 C . 8.35 -8.32 16.37
O1 SO4 C . 8.89 -7.63 15.13
O2 SO4 C . 7.51 -9.48 15.94
O3 SO4 C . 7.58 -7.35 17.20
O4 SO4 C . 9.50 -8.85 17.17
S SO4 D . -15.66 -1.48 19.13
O1 SO4 D . -15.11 -2.81 18.90
O2 SO4 D . -15.84 -0.75 17.84
O3 SO4 D . -14.72 -0.66 19.94
O4 SO4 D . -16.96 -1.61 19.81
S SO4 E . 0.19 1.51 23.81
O1 SO4 E . 0.84 2.62 23.10
O2 SO4 E . 0.82 0.21 23.62
O3 SO4 E . -1.17 1.33 23.34
O4 SO4 E . 0.09 1.79 25.22
S SO4 F . 2.97 18.13 -6.68
O1 SO4 F . 3.88 17.16 -7.24
O2 SO4 F . 1.69 18.07 -7.47
O3 SO4 F . 3.46 19.50 -6.93
O4 SO4 F . 2.66 17.94 -5.26
S SO4 G . 11.38 9.91 17.69
O1 SO4 G . 12.35 9.71 16.64
O2 SO4 G . 9.97 9.86 17.30
O3 SO4 G . 11.68 11.22 18.31
O4 SO4 G . 11.57 8.85 18.71
S SO4 H . 1.78 -17.92 3.82
O1 SO4 H . 2.66 -19.13 3.86
O2 SO4 H . 1.03 -18.01 2.58
O3 SO4 H . 2.61 -16.67 3.81
O4 SO4 H . 0.84 -17.89 5.01
S SO4 I . 14.83 18.66 -1.50
O1 SO4 I . 16.25 18.22 -1.49
O2 SO4 I . 13.94 17.63 -2.14
O3 SO4 I . 14.77 19.91 -2.27
O4 SO4 I . 14.38 18.91 -0.11
S SO4 J . 3.35 -12.48 -18.74
O1 SO4 J . 4.64 -12.63 -19.43
O2 SO4 J . 2.34 -13.25 -19.49
O3 SO4 J . 2.92 -11.09 -18.67
O4 SO4 J . 3.52 -13.01 -17.37
S SO4 K . -2.86 3.96 -25.57
O1 SO4 K . -1.65 3.16 -25.63
O2 SO4 K . -4.04 3.06 -25.56
O3 SO4 K . -2.91 4.85 -26.73
O4 SO4 K . -2.82 4.76 -24.31
C FAH L . -10.18 2.34 -4.24
F FAH L . -9.87 4.56 -3.33
O FAH L . -10.54 2.93 -5.30
CH3 FAH L . -9.75 3.18 -3.03
OXT FAH L . -10.14 1.11 -4.08
C FAH M . -16.22 3.37 -19.93
F FAH M . -16.04 1.14 -19.18
O FAH M . -15.19 3.09 -20.61
CH3 FAH M . -16.89 2.25 -19.19
OXT FAH M . -16.72 4.51 -19.77
C FAH N . -6.11 5.76 -19.41
F FAH N . -4.60 5.73 -17.64
O FAH N . -5.67 6.95 -19.59
CH3 FAH N . -5.52 4.95 -18.31
OXT FAH N . -7.02 5.21 -20.05
C FAH O . 3.76 -8.55 -15.72
F FAH O . 5.44 -6.84 -15.91
O FAH O . 3.30 -8.15 -14.61
CH3 FAH O . 4.39 -7.45 -16.51
OXT FAH O . 3.82 -9.74 -16.20
C FAH P . 6.06 17.01 7.80
F FAH P . 7.88 17.28 9.41
O FAH P . 4.87 16.70 7.56
CH3 FAH P . 6.65 16.62 9.18
OXT FAH P . 6.78 17.69 7.06
CL CL Q . -7.23 0.96 -0.14
C FAH R . 2.00 -12.30 10.64
F FAH R . 2.55 -9.95 10.11
O FAH R . 3.11 -12.47 11.18
CH3 FAH R . 1.59 -10.90 10.06
OXT FAH R . 1.18 -13.20 10.49
#